data_7B9Z
#
_entry.id   7B9Z
#
_cell.length_a   39.039
_cell.length_b   49.634
_cell.length_c   71.200
_cell.angle_alpha   90.000
_cell.angle_beta   90.000
_cell.angle_gamma   90.000
#
_symmetry.space_group_name_H-M   'P 21 21 21'
#
loop_
_entity.id
_entity.type
_entity.pdbx_description
1 polymer 'Peptidyl-prolyl cis-trans isomerase FKBP5'
2 non-polymer 2-cyclohexyl-12-[2-(3,4-dimethoxyphenyl)ethyl]-25,26-dimethoxy-11,18,23-trioxa-4-azatetracyclo[22.3.1.113,17.04,9]nonacosa-1(27),13(29),14,16,20,24(28),25-heptaene-3,10-dione
3 non-polymer isothiocyanate
4 water water
#
_entity_poly.entity_id   1
_entity_poly.type   'polypeptide(L)'
_entity_poly.pdbx_seq_one_letter_code
;HMGAPATVTEQGEDITSKKDRGVLKIVKRVGNGEETPMIGDKVYVHYKGKLSNGKKFDSSHDRNEPFVFSLGKGQVIKAW
DIGVATMKKGEIAHLLIKPEYAYGSAGSLPKIPSNATLFFEIELLDFKGE
;
_entity_poly.pdbx_strand_id   A
#
loop_
_chem_comp.id
_chem_comp.type
_chem_comp.name
_chem_comp.formula
IS8 non-polymer isothiocyanate 'C H N S'
T58 non-polymer 2-cyclohexyl-12-[2-(3,4-dimethoxyphenyl)ethyl]-25,26-dimethoxy-11,18,23-trioxa-4-azatetracyclo[22.3.1.113,17.04,9]nonacosa-1(27),13(29),14,16,20,24(28),25-heptaene-3,10-dione 'C43 H53 N O9'
#
# COMPACT_ATOMS: atom_id res chain seq x y z
N GLY A 3 -0.57 3.10 13.16
CA GLY A 3 -1.40 1.97 12.63
C GLY A 3 -1.57 0.86 13.66
N ALA A 4 -2.44 -0.13 13.41
CA ALA A 4 -2.69 -1.21 14.39
C ALA A 4 -2.40 -2.55 13.74
N PRO A 5 -1.11 -2.88 13.48
CA PRO A 5 -0.77 -4.12 12.77
C PRO A 5 -1.32 -5.40 13.43
N ALA A 6 -1.48 -5.43 14.76
CA ALA A 6 -2.24 -6.49 15.43
C ALA A 6 -3.68 -6.49 14.89
N THR A 7 -4.33 -5.31 14.74
CA THR A 7 -5.76 -5.22 14.33
C THR A 7 -5.87 -5.66 12.86
N VAL A 8 -4.87 -5.30 12.06
CA VAL A 8 -4.83 -5.72 10.63
C VAL A 8 -4.52 -7.23 10.58
N THR A 9 -3.57 -7.72 11.41
CA THR A 9 -3.23 -9.17 11.54
C THR A 9 -4.54 -9.87 11.93
N GLU A 10 -5.20 -9.35 12.97
CA GLU A 10 -6.46 -9.94 13.52
C GLU A 10 -7.64 -9.79 12.54
N GLN A 11 -7.94 -8.56 12.06
CA GLN A 11 -9.23 -8.23 11.38
C GLN A 11 -9.03 -8.01 9.86
N GLY A 12 -7.80 -8.06 9.34
CA GLY A 12 -7.55 -7.60 7.96
C GLY A 12 -8.06 -8.62 6.95
N GLU A 13 -8.53 -8.14 5.81
CA GLU A 13 -8.87 -8.96 4.64
C GLU A 13 -7.62 -9.40 3.89
N ASP A 14 -7.47 -10.67 3.59
CA ASP A 14 -6.39 -11.17 2.67
C ASP A 14 -6.80 -10.84 1.23
N ILE A 15 -6.14 -9.89 0.57
CA ILE A 15 -6.45 -9.48 -0.82
C ILE A 15 -5.45 -10.08 -1.83
N THR A 16 -4.60 -11.05 -1.46
CA THR A 16 -3.72 -11.78 -2.37
C THR A 16 -4.52 -12.81 -3.20
N SER A 17 -4.08 -13.03 -4.45
CA SER A 17 -4.56 -14.08 -5.40
C SER A 17 -4.41 -15.46 -4.75
N LYS A 18 -3.24 -15.70 -4.18
CA LYS A 18 -2.83 -16.99 -3.60
C LYS A 18 -3.42 -17.22 -2.20
N LYS A 19 -4.07 -16.23 -1.61
CA LYS A 19 -4.56 -16.29 -0.22
C LYS A 19 -3.47 -16.77 0.74
N ASP A 20 -2.29 -16.13 0.67
CA ASP A 20 -1.15 -16.43 1.58
C ASP A 20 -1.01 -15.36 2.67
N ARG A 21 -2.00 -14.48 2.88
CA ARG A 21 -2.03 -13.41 3.93
C ARG A 21 -0.84 -12.45 3.72
N GLY A 22 -0.27 -12.37 2.53
CA GLY A 22 0.91 -11.54 2.26
C GLY A 22 0.58 -10.04 2.15
N VAL A 23 -0.70 -9.70 1.90
CA VAL A 23 -1.24 -8.33 1.91
C VAL A 23 -2.55 -8.37 2.66
N LEU A 24 -2.60 -7.71 3.81
CA LEU A 24 -3.82 -7.65 4.65
C LEU A 24 -4.30 -6.21 4.68
N LYS A 25 -5.58 -6.02 4.41
CA LYS A 25 -6.20 -4.69 4.31
C LYS A 25 -7.30 -4.48 5.35
N ILE A 26 -7.25 -3.31 5.99
N ILE A 26 -7.36 -3.27 5.89
CA ILE A 26 -8.42 -2.71 6.70
CA ILE A 26 -8.53 -2.83 6.68
C ILE A 26 -8.85 -1.45 5.95
C ILE A 26 -8.89 -1.41 6.25
N VAL A 27 -10.15 -1.21 5.86
CA VAL A 27 -10.70 0.09 5.46
C VAL A 27 -10.88 0.93 6.74
N LYS A 28 -10.20 2.05 6.77
CA LYS A 28 -10.25 2.98 7.92
C LYS A 28 -11.31 4.06 7.67
N ARG A 29 -11.46 4.46 6.42
N ARG A 29 -11.53 4.43 6.40
CA ARG A 29 -12.50 5.39 6.01
CA ARG A 29 -12.47 5.50 5.97
C ARG A 29 -13.11 4.87 4.72
C ARG A 29 -13.13 5.09 4.65
N VAL A 30 -14.42 4.78 4.69
CA VAL A 30 -15.15 4.37 3.48
C VAL A 30 -15.19 5.51 2.47
N GLY A 31 -14.87 5.17 1.22
CA GLY A 31 -14.87 6.11 0.12
C GLY A 31 -16.26 6.46 -0.38
N ASN A 32 -16.33 7.39 -1.30
CA ASN A 32 -17.63 7.92 -1.77
C ASN A 32 -17.90 7.27 -3.15
N GLY A 33 -16.90 6.84 -3.89
CA GLY A 33 -17.13 6.16 -5.19
C GLY A 33 -17.52 4.70 -5.02
N GLU A 34 -18.30 4.07 -5.97
CA GLU A 34 -18.51 2.61 -6.15
C GLU A 34 -17.30 2.09 -6.99
N GLU A 35 -16.72 2.91 -7.85
CA GLU A 35 -15.69 2.49 -8.82
C GLU A 35 -14.32 2.24 -8.14
N THR A 36 -13.64 1.20 -8.61
CA THR A 36 -12.23 0.87 -8.26
C THR A 36 -11.44 1.04 -9.55
N PRO A 37 -10.12 1.35 -9.45
CA PRO A 37 -9.36 1.65 -10.66
C PRO A 37 -8.93 0.44 -11.50
N MET A 38 -8.76 0.70 -12.74
CA MET A 38 -8.32 -0.32 -13.72
C MET A 38 -6.81 -0.19 -14.02
N ILE A 39 -6.30 -1.29 -14.50
CA ILE A 39 -4.89 -1.35 -14.95
C ILE A 39 -4.57 -0.24 -15.92
N GLY A 40 -3.48 0.47 -15.61
CA GLY A 40 -3.06 1.56 -16.45
C GLY A 40 -3.61 2.88 -16.04
N ASP A 41 -4.65 2.92 -15.17
CA ASP A 41 -5.20 4.21 -14.70
C ASP A 41 -4.08 4.97 -13.97
N LYS A 42 -4.08 6.30 -14.18
CA LYS A 42 -3.22 7.21 -13.43
C LYS A 42 -3.94 7.39 -12.10
N VAL A 43 -3.29 7.00 -11.03
CA VAL A 43 -3.83 7.06 -9.67
C VAL A 43 -3.13 8.15 -8.90
N TYR A 44 -3.90 8.87 -8.08
CA TYR A 44 -3.39 9.96 -7.22
C TYR A 44 -3.69 9.60 -5.79
N VAL A 45 -2.68 9.55 -4.94
CA VAL A 45 -2.87 9.20 -3.54
C VAL A 45 -2.11 10.15 -2.64
N HIS A 46 -2.57 10.16 -1.38
CA HIS A 46 -1.67 10.50 -0.26
C HIS A 46 -1.37 9.24 0.52
N TYR A 47 -0.24 9.18 1.16
CA TYR A 47 0.11 7.98 1.88
C TYR A 47 1.09 8.31 2.98
N LYS A 48 1.20 7.36 3.90
CA LYS A 48 2.35 7.26 4.78
C LYS A 48 2.65 5.79 4.99
N GLY A 49 3.95 5.51 5.06
CA GLY A 49 4.45 4.15 5.22
C GLY A 49 5.56 4.08 6.24
N LYS A 50 5.76 2.89 6.74
CA LYS A 50 6.83 2.60 7.71
C LYS A 50 7.27 1.16 7.56
N LEU A 51 8.48 0.93 8.04
CA LEU A 51 8.92 -0.41 8.33
C LEU A 51 8.22 -0.86 9.59
N SER A 52 7.91 -2.15 9.68
N SER A 52 7.98 -2.16 9.66
CA SER A 52 7.34 -2.68 10.95
CA SER A 52 7.41 -2.84 10.86
C SER A 52 8.28 -2.41 12.14
C SER A 52 8.34 -2.80 12.10
N ASN A 53 9.60 -2.37 11.94
CA ASN A 53 10.57 -2.17 13.06
C ASN A 53 10.53 -0.71 13.55
N GLY A 54 9.78 0.18 12.89
CA GLY A 54 9.63 1.61 13.25
C GLY A 54 10.88 2.45 13.07
N LYS A 55 11.80 2.05 12.18
CA LYS A 55 13.10 2.76 12.02
C LYS A 55 13.11 3.67 10.78
N LYS A 56 12.21 3.48 9.80
CA LYS A 56 12.17 4.33 8.59
C LYS A 56 10.71 4.63 8.27
N PHE A 57 10.50 5.76 7.66
N PHE A 57 10.39 5.85 7.85
CA PHE A 57 9.18 6.37 7.46
CA PHE A 57 9.03 6.39 7.57
C PHE A 57 9.21 7.04 6.10
C PHE A 57 9.11 7.25 6.30
N ASP A 58 8.01 7.23 5.51
CA ASP A 58 7.87 8.02 4.28
C ASP A 58 6.43 8.54 4.22
N SER A 59 6.24 9.66 3.58
CA SER A 59 4.91 10.28 3.44
C SER A 59 4.89 11.05 2.15
N SER A 60 3.76 11.03 1.44
CA SER A 60 3.61 11.83 0.23
C SER A 60 3.80 13.28 0.60
N HIS A 61 3.42 13.64 1.80
CA HIS A 61 3.55 15.07 2.21
C HIS A 61 5.00 15.53 2.30
N ASP A 62 5.94 14.61 2.37
CA ASP A 62 7.37 14.97 2.45
C ASP A 62 7.77 15.68 1.17
N ARG A 63 6.99 15.54 0.08
CA ARG A 63 7.29 16.17 -1.23
C ARG A 63 6.22 17.17 -1.61
N ASN A 64 5.26 17.38 -0.70
N ASN A 64 5.34 17.52 -0.67
CA ASN A 64 4.29 18.52 -0.73
CA ASN A 64 4.40 18.66 -0.86
C ASN A 64 3.28 18.31 -1.85
C ASN A 64 3.55 18.37 -2.11
N GLU A 65 3.23 17.10 -2.45
CA GLU A 65 2.35 16.88 -3.62
C GLU A 65 1.74 15.48 -3.48
N PRO A 66 0.55 15.20 -4.05
CA PRO A 66 0.07 13.81 -4.11
C PRO A 66 1.07 12.95 -4.89
N PHE A 67 1.09 11.71 -4.53
CA PHE A 67 1.89 10.69 -5.23
C PHE A 67 1.04 10.11 -6.37
N VAL A 68 1.67 9.97 -7.51
CA VAL A 68 1.05 9.47 -8.76
C VAL A 68 1.76 8.23 -9.24
N PHE A 69 0.97 7.20 -9.61
CA PHE A 69 1.56 6.04 -10.31
C PHE A 69 0.51 5.47 -11.24
N SER A 70 0.97 4.50 -12.02
N SER A 70 0.91 4.68 -12.24
CA SER A 70 0.12 3.79 -12.99
CA SER A 70 -0.07 3.98 -13.10
C SER A 70 -0.30 2.48 -12.38
C SER A 70 -0.33 2.58 -12.55
N LEU A 71 -1.59 2.25 -12.27
CA LEU A 71 -1.99 1.03 -11.56
C LEU A 71 -1.57 -0.21 -12.33
N GLY A 72 -0.94 -1.16 -11.62
CA GLY A 72 -0.75 -2.48 -12.15
C GLY A 72 0.38 -2.59 -13.15
N LYS A 73 1.29 -1.61 -13.13
CA LYS A 73 2.39 -1.56 -14.16
C LYS A 73 3.73 -1.93 -13.52
N GLY A 74 3.77 -2.31 -12.24
CA GLY A 74 5.04 -2.66 -11.60
C GLY A 74 5.95 -1.49 -11.33
N GLN A 75 5.44 -0.30 -11.28
CA GLN A 75 6.21 0.88 -10.96
C GLN A 75 6.50 0.97 -9.47
N VAL A 76 5.59 0.40 -8.70
CA VAL A 76 5.63 0.39 -7.22
C VAL A 76 5.59 -1.08 -6.85
N ILE A 77 5.71 -1.34 -5.55
CA ILE A 77 5.71 -2.71 -5.03
C ILE A 77 4.38 -3.41 -5.36
N LYS A 78 4.43 -4.73 -5.40
CA LYS A 78 3.25 -5.53 -5.84
C LYS A 78 2.07 -5.21 -4.89
N ALA A 79 2.33 -5.10 -3.60
CA ALA A 79 1.27 -4.88 -2.61
C ALA A 79 0.45 -3.63 -2.99
N TRP A 80 1.08 -2.57 -3.49
CA TRP A 80 0.38 -1.37 -3.92
C TRP A 80 -0.48 -1.64 -5.14
N ASP A 81 0.07 -2.29 -6.14
CA ASP A 81 -0.71 -2.59 -7.37
C ASP A 81 -1.94 -3.41 -6.97
N ILE A 82 -1.75 -4.39 -6.11
N ILE A 82 -1.85 -4.35 -6.08
CA ILE A 82 -2.82 -5.27 -5.59
CA ILE A 82 -3.07 -5.14 -5.78
C ILE A 82 -3.81 -4.41 -4.77
C ILE A 82 -3.90 -4.46 -4.68
N GLY A 83 -3.32 -3.65 -3.80
CA GLY A 83 -4.15 -2.98 -2.79
C GLY A 83 -4.92 -1.83 -3.32
N VAL A 84 -4.27 -0.96 -4.09
CA VAL A 84 -4.96 0.25 -4.58
C VAL A 84 -6.04 -0.17 -5.58
N ALA A 85 -5.86 -1.30 -6.28
CA ALA A 85 -6.89 -1.80 -7.22
C ALA A 85 -8.21 -2.11 -6.49
N THR A 86 -8.21 -2.27 -5.19
CA THR A 86 -9.42 -2.63 -4.42
C THR A 86 -10.11 -1.39 -3.82
N MET A 87 -9.58 -0.19 -4.13
N MET A 87 -9.46 -0.23 -3.84
CA MET A 87 -9.93 1.06 -3.42
CA MET A 87 -9.96 0.96 -3.11
C MET A 87 -10.89 1.94 -4.20
C MET A 87 -10.88 1.77 -4.04
N LYS A 88 -11.78 2.59 -3.46
CA LYS A 88 -12.70 3.54 -4.09
C LYS A 88 -12.14 4.95 -3.84
N LYS A 89 -12.60 5.92 -4.64
CA LYS A 89 -12.23 7.31 -4.43
C LYS A 89 -12.65 7.75 -3.00
N GLY A 90 -11.72 8.37 -2.29
CA GLY A 90 -11.95 8.86 -0.92
C GLY A 90 -11.60 7.83 0.15
N GLU A 91 -11.42 6.56 -0.22
CA GLU A 91 -11.16 5.53 0.78
C GLU A 91 -9.78 5.84 1.43
N ILE A 92 -9.68 5.48 2.69
CA ILE A 92 -8.37 5.32 3.36
C ILE A 92 -8.27 3.92 3.88
N ALA A 93 -7.20 3.22 3.47
CA ALA A 93 -6.97 1.86 3.84
C ALA A 93 -5.60 1.75 4.50
N HIS A 94 -5.47 0.76 5.37
CA HIS A 94 -4.24 0.30 5.99
C HIS A 94 -3.89 -1.04 5.36
N LEU A 95 -2.63 -1.18 4.98
CA LEU A 95 -2.10 -2.44 4.42
C LEU A 95 -0.93 -2.92 5.24
N LEU A 96 -0.94 -4.17 5.62
CA LEU A 96 0.21 -4.82 6.24
C LEU A 96 0.76 -5.80 5.24
N ILE A 97 2.05 -5.66 4.95
CA ILE A 97 2.66 -6.28 3.75
C ILE A 97 3.86 -7.13 4.13
N LYS A 98 3.81 -8.42 3.80
N LYS A 98 3.83 -8.40 3.78
CA LYS A 98 4.95 -9.37 3.92
CA LYS A 98 5.00 -9.28 3.97
C LYS A 98 5.96 -9.10 2.81
C LYS A 98 5.97 -9.09 2.81
N PRO A 99 7.26 -9.41 3.04
CA PRO A 99 8.31 -9.08 2.10
C PRO A 99 8.08 -9.66 0.70
N GLU A 100 7.39 -10.81 0.55
CA GLU A 100 7.12 -11.39 -0.79
C GLU A 100 6.33 -10.40 -1.67
N TYR A 101 5.62 -9.44 -1.11
CA TYR A 101 4.81 -8.46 -1.86
C TYR A 101 5.42 -7.07 -1.78
N ALA A 102 6.68 -7.01 -1.34
CA ALA A 102 7.39 -5.74 -1.19
C ALA A 102 8.79 -5.93 -1.77
N TYR A 103 9.84 -6.02 -0.98
CA TYR A 103 11.21 -6.03 -1.51
C TYR A 103 11.96 -7.33 -1.25
N GLY A 104 11.33 -8.32 -0.63
CA GLY A 104 11.83 -9.71 -0.55
C GLY A 104 13.18 -9.78 0.17
N SER A 105 14.02 -10.72 -0.25
N SER A 105 14.03 -10.71 -0.25
CA SER A 105 15.25 -11.12 0.47
CA SER A 105 15.26 -11.11 0.48
C SER A 105 16.33 -10.04 0.39
C SER A 105 16.35 -10.03 0.38
N ALA A 106 16.47 -9.30 -0.73
CA ALA A 106 17.60 -8.35 -0.85
C ALA A 106 17.23 -6.99 -0.39
N GLY A 107 15.90 -6.80 -0.12
CA GLY A 107 15.39 -5.44 0.16
C GLY A 107 15.99 -4.45 -0.94
N SER A 108 16.26 -3.17 -0.28
CA SER A 108 16.60 -1.96 -1.04
C SER A 108 17.26 -1.03 -0.12
N LEU A 109 18.53 -1.36 0.23
CA LEU A 109 19.26 -0.59 1.25
C LEU A 109 19.65 0.79 0.74
N PRO A 110 19.81 1.78 1.67
CA PRO A 110 19.62 1.60 3.09
C PRO A 110 18.19 1.58 3.59
N LYS A 111 17.24 1.99 2.75
N LYS A 111 17.21 2.00 2.79
CA LYS A 111 15.86 2.20 3.22
CA LYS A 111 15.88 2.26 3.36
C LYS A 111 15.30 0.90 3.76
C LYS A 111 15.17 0.94 3.70
N ILE A 112 15.38 -0.16 2.95
CA ILE A 112 14.60 -1.39 3.19
C ILE A 112 15.54 -2.54 3.47
N PRO A 113 15.48 -3.05 4.72
CA PRO A 113 16.27 -4.20 5.05
C PRO A 113 15.79 -5.47 4.35
N SER A 114 16.60 -6.51 4.46
CA SER A 114 16.23 -7.84 3.98
C SER A 114 14.96 -8.31 4.71
N ASN A 115 14.04 -8.93 4.02
N ASN A 115 14.03 -8.93 3.99
CA ASN A 115 12.89 -9.62 4.66
CA ASN A 115 12.80 -9.62 4.45
C ASN A 115 12.08 -8.63 5.52
C ASN A 115 11.94 -8.71 5.36
N ALA A 116 11.82 -7.44 4.99
CA ALA A 116 11.09 -6.38 5.72
C ALA A 116 9.58 -6.50 5.47
N THR A 117 8.86 -6.46 6.57
CA THR A 117 7.40 -6.23 6.61
C THR A 117 7.14 -4.71 6.61
N LEU A 118 6.19 -4.25 5.79
N LEU A 118 6.17 -4.26 5.81
CA LEU A 118 5.83 -2.83 5.68
CA LEU A 118 5.82 -2.84 5.63
C LEU A 118 4.38 -2.61 6.11
C LEU A 118 4.36 -2.59 6.04
N PHE A 119 4.11 -1.39 6.52
CA PHE A 119 2.77 -0.91 6.87
C PHE A 119 2.54 0.38 6.12
N PHE A 120 1.42 0.50 5.44
CA PHE A 120 1.02 1.73 4.76
C PHE A 120 -0.40 2.14 5.15
N GLU A 121 -0.55 3.44 5.20
CA GLU A 121 -1.81 4.13 5.08
C GLU A 121 -1.90 4.80 3.70
N ILE A 122 -2.96 4.54 2.94
CA ILE A 122 -3.15 5.08 1.57
C ILE A 122 -4.53 5.73 1.56
N GLU A 123 -4.58 6.93 1.06
CA GLU A 123 -5.83 7.65 0.74
C GLU A 123 -5.91 7.75 -0.78
N LEU A 124 -6.92 7.09 -1.38
CA LEU A 124 -7.07 7.21 -2.82
C LEU A 124 -7.82 8.50 -3.12
N LEU A 125 -7.17 9.47 -3.74
CA LEU A 125 -7.73 10.80 -4.04
C LEU A 125 -8.54 10.76 -5.32
N ASP A 126 -7.98 10.23 -6.39
CA ASP A 126 -8.63 10.18 -7.70
C ASP A 126 -7.93 9.19 -8.59
N PHE A 127 -8.55 8.85 -9.70
CA PHE A 127 -7.88 8.08 -10.76
C PHE A 127 -8.55 8.40 -12.09
N LYS A 128 -7.76 8.29 -13.17
CA LYS A 128 -8.15 8.65 -14.56
C LYS A 128 -7.61 7.60 -15.53
N GLY A 129 -8.43 7.12 -16.45
CA GLY A 129 -8.00 6.21 -17.54
C GLY A 129 -6.77 6.70 -18.29
N GLU A 130 -5.82 5.79 -18.62
CA GLU A 130 -4.59 6.00 -19.40
C GLU A 130 -4.11 7.43 -19.18
CCA T58 B . 8.87 -1.86 -7.64
OBZ T58 B . 10.18 -2.22 -7.41
CBL T58 B . 10.99 -1.32 -6.79
CBM T58 B . 10.74 0.04 -6.62
CBK T58 B . 12.23 -1.92 -6.45
OBX T58 B . 12.34 -3.23 -6.68
CBY T58 B . 13.67 -3.77 -6.49
CBJ T58 B . 13.11 -1.19 -5.70
CBI T58 B . 12.87 0.15 -5.47
CBC T58 B . 11.72 0.78 -5.93
CBB T58 B . 11.55 2.24 -5.58
CAZ T58 B . 10.59 2.43 -4.41
CAY T58 B . 9.11 2.56 -4.80
OAW T58 B . 8.40 2.61 -3.55
C T58 B . 7.32 1.83 -3.44
O T58 B . 6.97 1.08 -4.30
CA T58 B . 6.58 1.99 -2.09
CB T58 B . 5.15 2.30 -2.39
CAS T58 B . 4.95 3.70 -2.94
CAT T58 B . 5.45 4.65 -1.88
CAU T58 B . 6.89 4.40 -1.51
N T58 B . 7.19 2.98 -1.16
CAI T58 B . 8.14 2.62 -0.30
OAJ T58 B . 8.40 1.41 -0.21
CAG T58 B . 8.94 3.65 0.47
CAH T58 B . 9.33 3.07 1.85
CAL T58 B . 8.12 2.84 2.75
CAM T58 B . 8.50 2.24 4.11
CAN T58 B . 9.50 3.19 4.84
CAO T58 B . 10.72 3.37 3.96
CAP T58 B . 10.34 3.96 2.57
CAF T58 B . 10.14 4.04 -0.32
CAA T58 B . 10.28 5.37 -0.63
CAE T58 B . 11.04 3.14 -0.75
CAD T58 B . 12.19 3.64 -1.49
OBV T58 B . 13.10 2.75 -1.96
CBW T58 B . 12.99 1.38 -1.69
CAC T58 B . 12.35 4.95 -1.76
OBT T58 B . 13.49 5.37 -2.42
CBU T58 B . 13.31 5.51 -3.88
CAB T58 B . 11.45 5.88 -1.32
OBO T58 B . 11.70 7.15 -1.62
CBP T58 B . 10.59 8.09 -1.69
CBQ T58 B . 9.79 7.78 -2.89
CBR T58 B . 8.45 7.70 -2.90
CBS T58 B . 7.52 7.43 -3.95
OBN T58 B . 8.15 7.37 -5.25
CBE T58 B . 8.34 6.14 -5.83
CBD T58 B . 8.65 4.98 -5.11
CBA T58 B . 8.83 3.73 -5.61
CBH T58 B . 8.65 3.56 -6.97
CBG T58 B . 8.40 4.69 -7.70
CBF T58 B . 8.23 5.97 -7.18
HCK T58 B . 8.34 -2.73 -8.04
HCL T58 B . 8.84 -1.05 -8.37
HCJ T58 B . 8.41 -1.54 -6.70
HBM T58 B . 9.81 0.49 -6.92
HCI T58 B . 13.77 -4.67 -7.09
HBY T58 B . 13.80 -4.01 -5.42
HCH T58 B . 14.44 -3.05 -6.80
HBJ T58 B . 14.06 -1.60 -5.39
HBI T58 B . 13.63 0.74 -4.97
HCA T58 B . 12.42 2.67 -5.19
HBB T58 B . 11.13 2.80 -6.34
HB9 T58 B . 10.55 1.59 -3.83
HAZ T58 B . 10.75 3.33 -3.82
HAY T58 B . 8.83 1.67 -5.36
HA T58 B . 6.59 1.01 -1.61
HB1 T58 B . 4.89 1.78 -3.24
HB2 T58 B . 4.45 2.09 -1.70
HB3 T58 B . 3.88 3.87 -3.12
HB4 T58 B . 5.49 3.84 -3.87
HB5 T58 B . 4.83 4.55 -0.99
HB6 T58 B . 5.37 5.68 -2.26
HB7 T58 B . 7.13 4.95 -0.63
HB8 T58 B . 7.54 4.58 -2.28
HAG T58 B . 8.33 4.50 0.68
HAH T58 B . 9.81 2.11 1.70
HAL T58 B . 7.62 3.71 3.02
HAM T58 B . 7.49 2.10 2.37
HAN T58 B . 8.97 1.26 3.96
HAO T58 B . 7.61 2.11 4.72
HAP T58 B . 9.80 2.75 5.78
HAQ T58 B . 9.02 4.15 5.01
HAR T58 B . 11.21 2.41 3.83
HAS T58 B . 11.41 4.06 4.47
HAU T58 B . 9.63 4.71 2.91
HAT T58 B . 10.97 4.61 2.07
HAA T58 B . 9.55 6.06 -0.23
HAE T58 B . 10.89 2.09 -0.54
HCG T58 B . 13.91 1.07 -1.18
HBW T58 B . 12.91 0.84 -2.64
HCF T58 B . 12.15 1.13 -1.07
HBU T58 B . 13.87 6.36 -4.24
HCD T58 B . 12.25 5.64 -4.11
HCE T58 B . 13.68 4.61 -4.36
HCB T58 B . 9.97 8.04 -0.79
HBP T58 B . 10.98 9.10 -1.78
HBQ T58 B . 10.33 7.61 -3.83
HBR T58 B . 7.99 7.89 -1.94
HBS T58 B . 6.85 8.21 -4.06
HCC T58 B . 7.04 6.51 -3.84
HBD T58 B . 8.75 5.07 -4.04
HBH T58 B . 8.81 2.60 -7.44
HBG T58 B . 8.30 4.57 -8.77
HBF T58 B . 7.98 6.80 -7.82
S IS8 C . 11.85 -3.87 9.14
C IS8 C . 10.74 -5.01 9.25
N IS8 C . 10.06 -6.09 9.34
H1 IS8 C . 10.48 -6.87 9.40
S IS8 D . 11.80 -12.94 -2.00
C IS8 D . 12.99 -12.10 -2.70
N IS8 D . 13.88 -11.40 -3.35
H1 IS8 D . 13.70 -11.12 -4.18
S IS8 E . -15.23 2.47 8.31
C IS8 E . -14.63 1.05 7.81
N IS8 E . -14.27 -0.23 7.72
H1 IS8 E . -14.24 -0.70 8.53
#